data_2Y8O
#
_entry.id   2Y8O
#
_cell.length_a   81.920
_cell.length_b   81.920
_cell.length_c   122.590
_cell.angle_alpha   90.00
_cell.angle_beta   90.00
_cell.angle_gamma   120.00
#
_symmetry.space_group_name_H-M   'P 31 2 1'
#
loop_
_entity.id
_entity.type
_entity.pdbx_description
1 polymer 'MITOGEN-ACTIVATED PROTEIN KINASE 14'
2 polymer 'DUAL SPECIFICITY MITOGEN-ACTIVATED PROTEIN KINASE KINASE 6'
3 water water
#
loop_
_entity_poly.entity_id
_entity_poly.type
_entity_poly.pdbx_seq_one_letter_code
_entity_poly.pdbx_strand_id
1 'polypeptide(L)'
;GSMSQERPTFYRQELNKTIWEVPERYQNLSPVGSGAYGSVCAAFDTKTGLRVAVKKLSRPFQSIIHAKRTYRELRLLKHM
KHENVIGLLDVFTPARSLEEFNDVYLVTHLMGADLNNIVKCQKLTDDHVQFLIYQILRGLKYIHSADIIHRDLKPSNLAV
NEDSELKILDFGLARHTDDEMTGYVATRWYRAPEIMLNWMHYNQTVDIWSVGCIMAELLTGRTLFPGTDHIDQLKLILRL
VGTPGAELLKKISSESARNYIQSLTQMPKMNFANVFIGANPLAVDLLEKMLVLDSDKRITAAQALAHAYFAQYHDPDDEP
VADPYDQSFESRDLLIDEWKSLTYDEVISFVPPPLDQEEMES
;
A
2 'polypeptide(L)' SKGKKRNPGLKIPK B
#
# COMPACT_ATOMS: atom_id res chain seq x y z
N GLU A 6 3.39 -30.04 -14.19
CA GLU A 6 4.66 -29.37 -14.29
C GLU A 6 4.47 -28.03 -15.01
N ARG A 7 5.00 -27.88 -16.22
CA ARG A 7 4.80 -26.63 -16.97
C ARG A 7 3.43 -26.61 -17.63
N PRO A 8 2.62 -25.57 -17.36
CA PRO A 8 1.32 -25.51 -18.06
C PRO A 8 1.51 -25.38 -19.55
N THR A 9 0.41 -25.48 -20.31
CA THR A 9 0.39 -25.08 -21.70
C THR A 9 0.11 -23.59 -21.80
N PHE A 10 0.94 -22.89 -22.57
CA PHE A 10 0.82 -21.46 -22.78
C PHE A 10 0.19 -21.18 -24.13
N TYR A 11 -0.54 -20.07 -24.25
CA TYR A 11 -1.01 -19.62 -25.54
C TYR A 11 -0.68 -18.16 -25.68
N ARG A 12 -0.59 -17.72 -26.91
CA ARG A 12 0.08 -16.48 -27.24
C ARG A 12 -0.90 -15.62 -28.00
N GLN A 13 -1.04 -14.35 -27.62
CA GLN A 13 -1.92 -13.44 -28.31
C GLN A 13 -1.42 -12.01 -28.20
N GLU A 14 -1.65 -11.21 -29.24
CA GLU A 14 -1.34 -9.78 -29.17
C GLU A 14 -2.58 -9.03 -28.78
N LEU A 15 -2.47 -8.15 -27.80
CA LEU A 15 -3.57 -7.30 -27.39
C LEU A 15 -3.03 -5.89 -27.18
N ASN A 16 -3.56 -4.93 -27.93
CA ASN A 16 -3.09 -3.55 -27.85
C ASN A 16 -1.58 -3.46 -28.02
N LYS A 17 -1.08 -4.02 -29.12
CA LYS A 17 0.33 -3.88 -29.48
C LYS A 17 1.26 -4.43 -28.39
N THR A 18 0.76 -5.39 -27.61
CA THR A 18 1.57 -6.07 -26.59
C THR A 18 1.35 -7.57 -26.68
N ILE A 19 2.43 -8.35 -26.69
CA ILE A 19 2.30 -9.80 -26.72
C ILE A 19 2.10 -10.37 -25.32
N TRP A 20 1.08 -11.20 -25.17
CA TRP A 20 0.82 -11.87 -23.91
C TRP A 20 0.90 -13.36 -24.16
N GLU A 21 1.81 -14.02 -23.45
CA GLU A 21 1.94 -15.46 -23.51
C GLU A 21 1.74 -15.97 -22.10
N VAL A 22 0.56 -16.54 -21.85
CA VAL A 22 0.18 -16.96 -20.52
C VAL A 22 -0.39 -18.38 -20.54
N PRO A 23 -0.38 -19.06 -19.39
CA PRO A 23 -1.01 -20.39 -19.31
C PRO A 23 -2.50 -20.35 -19.66
N GLU A 24 -2.98 -21.45 -20.22
CA GLU A 24 -4.35 -21.48 -20.69
C GLU A 24 -5.34 -21.41 -19.52
N ARG A 25 -4.87 -21.62 -18.29
CA ARG A 25 -5.76 -21.41 -17.15
C ARG A 25 -6.32 -19.98 -17.09
N TYR A 26 -5.60 -19.01 -17.68
CA TYR A 26 -6.08 -17.62 -17.71
C TYR A 26 -6.82 -17.33 -19.00
N GLN A 27 -8.08 -16.91 -18.86
CA GLN A 27 -8.96 -16.76 -20.02
C GLN A 27 -9.62 -15.39 -20.09
N ASN A 28 -10.00 -14.99 -21.31
CA ASN A 28 -10.73 -13.76 -21.51
C ASN A 28 -9.99 -12.51 -21.00
N LEU A 29 -8.71 -12.40 -21.34
CA LEU A 29 -7.91 -11.23 -20.96
C LEU A 29 -8.45 -9.95 -21.59
N SER A 30 -8.59 -8.92 -20.76
CA SER A 30 -9.07 -7.63 -21.22
C SER A 30 -8.18 -6.55 -20.63
N PRO A 31 -7.46 -5.81 -21.48
CA PRO A 31 -6.58 -4.72 -21.01
C PRO A 31 -7.29 -3.76 -20.07
N VAL A 32 -6.66 -3.39 -18.97
CA VAL A 32 -7.28 -2.45 -18.04
C VAL A 32 -6.27 -1.40 -17.57
N GLY A 33 -5.29 -1.07 -18.41
CA GLY A 33 -4.35 -0.01 -18.08
C GLY A 33 -2.90 -0.44 -18.18
N SER A 34 -2.02 0.54 -18.34
CA SER A 34 -0.59 0.30 -18.44
C SER A 34 0.19 1.47 -17.85
N GLY A 35 1.51 1.38 -17.89
CA GLY A 35 2.36 2.43 -17.33
C GLY A 35 3.85 2.12 -17.42
N ALA A 36 4.63 2.83 -16.61
CA ALA A 36 6.07 2.62 -16.57
C ALA A 36 6.36 1.29 -15.90
N TYR A 37 5.50 0.93 -14.96
CA TYR A 37 5.63 -0.33 -14.22
C TYR A 37 5.53 -1.53 -15.17
N GLY A 38 4.51 -1.51 -16.03
CA GLY A 38 4.23 -2.62 -16.90
C GLY A 38 2.93 -2.43 -17.67
N SER A 39 2.03 -3.39 -17.51
CA SER A 39 0.83 -3.45 -18.32
C SER A 39 -0.06 -4.55 -17.75
N VAL A 40 -1.36 -4.29 -17.65
CA VAL A 40 -2.27 -5.17 -16.91
C VAL A 40 -3.50 -5.58 -17.70
N CYS A 41 -3.88 -6.85 -17.58
CA CYS A 41 -5.15 -7.34 -18.12
C CYS A 41 -5.96 -7.96 -17.01
N ALA A 42 -7.27 -7.74 -17.03
CA ALA A 42 -8.17 -8.52 -16.19
C ALA A 42 -8.35 -9.85 -16.89
N ALA A 43 -8.47 -10.91 -16.13
CA ALA A 43 -8.72 -12.22 -16.70
C ALA A 43 -9.57 -13.03 -15.77
N PHE A 44 -10.10 -14.14 -16.29
CA PHE A 44 -10.76 -15.11 -15.46
C PHE A 44 -9.81 -16.26 -15.22
N ASP A 45 -9.56 -16.58 -13.96
CA ASP A 45 -8.67 -17.67 -13.59
C ASP A 45 -9.48 -18.95 -13.42
N THR A 46 -9.43 -19.81 -14.42
CA THR A 46 -10.24 -21.02 -14.38
C THR A 46 -9.81 -21.98 -13.28
N LYS A 47 -8.63 -21.81 -12.70
CA LYS A 47 -8.23 -22.70 -11.61
C LYS A 47 -8.86 -22.31 -10.25
N THR A 48 -8.91 -21.01 -9.95
CA THR A 48 -9.45 -20.56 -8.66
C THR A 48 -10.89 -20.09 -8.81
N GLY A 49 -11.32 -19.87 -10.05
CA GLY A 49 -12.63 -19.31 -10.33
C GLY A 49 -12.70 -17.83 -10.01
N LEU A 50 -11.55 -17.18 -9.81
CA LEU A 50 -11.53 -15.76 -9.46
C LEU A 50 -11.25 -14.87 -10.68
N ARG A 51 -11.69 -13.62 -10.63
CA ARG A 51 -11.22 -12.61 -11.57
C ARG A 51 -9.84 -12.17 -11.09
N VAL A 52 -8.90 -12.00 -12.01
CA VAL A 52 -7.53 -11.67 -11.61
C VAL A 52 -6.96 -10.57 -12.46
N ALA A 53 -5.94 -9.91 -11.91
CA ALA A 53 -5.13 -8.98 -12.66
C ALA A 53 -3.85 -9.72 -13.02
N VAL A 54 -3.54 -9.79 -14.31
CA VAL A 54 -2.31 -10.36 -14.81
C VAL A 54 -1.48 -9.16 -15.24
N LYS A 55 -0.40 -8.89 -14.51
CA LYS A 55 0.52 -7.81 -14.86
C LYS A 55 1.76 -8.36 -15.57
N LYS A 56 2.01 -7.87 -16.78
CA LYS A 56 3.22 -8.19 -17.49
C LYS A 56 4.21 -7.07 -17.26
N LEU A 57 5.31 -7.36 -16.58
CA LEU A 57 6.30 -6.33 -16.30
C LEU A 57 6.91 -5.79 -17.59
N SER A 58 7.15 -4.48 -17.64
CA SER A 58 7.80 -3.91 -18.81
C SER A 58 9.30 -3.77 -18.58
N ARG A 59 10.09 -4.35 -19.46
CA ARG A 59 11.55 -4.16 -19.43
C ARG A 59 12.11 -4.49 -18.05
N PRO A 60 11.67 -5.62 -17.47
CA PRO A 60 12.06 -5.94 -16.09
C PRO A 60 13.57 -5.93 -15.85
N PHE A 61 14.36 -6.25 -16.87
CA PHE A 61 15.81 -6.40 -16.70
C PHE A 61 16.62 -5.47 -17.62
N GLN A 62 16.11 -4.28 -17.85
CA GLN A 62 16.73 -3.39 -18.83
C GLN A 62 17.95 -2.67 -18.26
N SER A 63 18.02 -2.57 -16.94
CA SER A 63 19.20 -2.02 -16.28
C SER A 63 19.36 -2.69 -14.92
N ILE A 64 20.50 -2.43 -14.27
CA ILE A 64 20.71 -2.90 -12.90
C ILE A 64 19.55 -2.43 -12.05
N ILE A 65 19.27 -1.14 -12.13
CA ILE A 65 18.20 -0.52 -11.36
C ILE A 65 16.85 -1.24 -11.51
N HIS A 66 16.45 -1.48 -12.76
CA HIS A 66 15.17 -2.15 -13.03
C HIS A 66 15.14 -3.60 -12.60
N ALA A 67 16.25 -4.30 -12.84
CA ALA A 67 16.37 -5.69 -12.47
C ALA A 67 16.27 -5.85 -10.94
N LYS A 68 16.92 -4.97 -10.22
CA LYS A 68 16.85 -5.04 -8.75
C LYS A 68 15.43 -4.72 -8.27
N ARG A 69 14.78 -3.78 -8.92
CA ARG A 69 13.41 -3.42 -8.55
C ARG A 69 12.45 -4.60 -8.81
N THR A 70 12.69 -5.34 -9.89
CA THR A 70 11.88 -6.50 -10.23
C THR A 70 12.03 -7.56 -9.15
N TYR A 71 13.27 -7.75 -8.71
CA TYR A 71 13.57 -8.73 -7.67
C TYR A 71 12.91 -8.29 -6.37
N ARG A 72 13.05 -7.01 -6.05
CA ARG A 72 12.48 -6.46 -4.83
C ARG A 72 10.96 -6.68 -4.81
N GLU A 73 10.31 -6.41 -5.93
CA GLU A 73 8.85 -6.56 -5.99
C GLU A 73 8.45 -8.02 -5.80
N LEU A 74 9.13 -8.93 -6.50
CA LEU A 74 8.76 -10.33 -6.41
C LEU A 74 9.01 -10.90 -5.00
N ARG A 75 10.17 -10.61 -4.41
CA ARG A 75 10.45 -10.98 -3.02
C ARG A 75 9.32 -10.48 -2.08
N LEU A 76 8.92 -9.22 -2.22
CA LEU A 76 7.90 -8.66 -1.35
C LEU A 76 6.55 -9.36 -1.54
N LEU A 77 6.11 -9.42 -2.78
CA LEU A 77 4.84 -10.08 -3.07
C LEU A 77 4.81 -11.54 -2.60
N LYS A 78 5.93 -12.26 -2.72
CA LYS A 78 5.94 -13.68 -2.31
C LYS A 78 5.85 -13.83 -0.79
N HIS A 79 6.30 -12.83 -0.05
CA HIS A 79 6.29 -12.92 1.39
C HIS A 79 4.92 -12.63 2.03
N MET A 80 4.10 -11.78 1.41
CA MET A 80 2.83 -11.34 2.01
C MET A 80 1.72 -12.37 2.02
N LYS A 81 1.37 -12.88 3.20
CA LYS A 81 0.29 -13.84 3.29
C LYS A 81 -0.59 -13.45 4.45
N HIS A 82 -1.60 -12.64 4.16
CA HIS A 82 -2.44 -12.05 5.19
C HIS A 82 -3.76 -11.65 4.55
N GLU A 83 -4.86 -11.89 5.25
CA GLU A 83 -6.20 -11.56 4.74
C GLU A 83 -6.41 -10.09 4.28
N ASN A 84 -5.68 -9.15 4.86
CA ASN A 84 -5.88 -7.74 4.51
C ASN A 84 -4.75 -7.17 3.67
N VAL A 85 -3.97 -8.06 3.05
CA VAL A 85 -2.89 -7.65 2.16
C VAL A 85 -2.96 -8.47 0.87
N ILE A 86 -2.81 -7.81 -0.26
CA ILE A 86 -2.89 -8.53 -1.52
C ILE A 86 -1.71 -9.50 -1.59
N GLY A 87 -2.00 -10.73 -1.98
CA GLY A 87 -0.98 -11.76 -2.08
C GLY A 87 -0.74 -12.14 -3.53
N LEU A 88 0.33 -12.91 -3.76
CA LEU A 88 0.64 -13.35 -5.11
C LEU A 88 -0.10 -14.67 -5.36
N LEU A 89 -1.04 -14.66 -6.30
CA LEU A 89 -1.72 -15.89 -6.68
C LEU A 89 -0.82 -16.75 -7.56
N ASP A 90 -0.05 -16.09 -8.43
CA ASP A 90 0.82 -16.80 -9.36
C ASP A 90 1.89 -15.86 -9.91
N VAL A 91 3.02 -16.44 -10.31
CA VAL A 91 4.01 -15.70 -11.06
C VAL A 91 4.55 -16.70 -12.07
N PHE A 92 4.72 -16.28 -13.31
CA PHE A 92 5.15 -17.21 -14.35
C PHE A 92 5.93 -16.50 -15.43
N THR A 93 6.67 -17.32 -16.18
CA THR A 93 7.35 -16.87 -17.38
C THR A 93 7.17 -17.95 -18.44
N PRO A 94 7.00 -17.54 -19.70
CA PRO A 94 6.94 -18.58 -20.74
C PRO A 94 8.31 -19.23 -21.01
N ALA A 95 9.37 -18.59 -20.53
CA ALA A 95 10.74 -19.11 -20.66
C ALA A 95 10.91 -20.51 -20.06
N ARG A 96 11.65 -21.35 -20.78
CA ARG A 96 11.93 -22.69 -20.32
CA ARG A 96 11.93 -22.69 -20.32
C ARG A 96 13.29 -22.77 -19.62
N SER A 97 14.07 -21.69 -19.72
CA SER A 97 15.40 -21.68 -19.11
C SER A 97 15.84 -20.25 -18.78
N LEU A 98 16.82 -20.13 -17.89
CA LEU A 98 17.39 -18.83 -17.58
C LEU A 98 17.82 -18.11 -18.86
N GLU A 99 18.42 -18.84 -19.80
CA GLU A 99 18.99 -18.19 -20.97
C GLU A 99 17.94 -17.56 -21.88
N GLU A 100 16.70 -18.04 -21.84
CA GLU A 100 15.66 -17.41 -22.65
C GLU A 100 14.68 -16.58 -21.81
N PHE A 101 15.00 -16.44 -20.52
CA PHE A 101 14.21 -15.67 -19.57
C PHE A 101 14.25 -14.19 -19.88
N ASN A 102 13.09 -13.62 -20.19
CA ASN A 102 12.99 -12.19 -20.42
C ASN A 102 11.75 -11.59 -19.77
N ASP A 103 10.65 -12.32 -19.78
CA ASP A 103 9.39 -11.77 -19.34
C ASP A 103 8.94 -12.39 -18.03
N VAL A 104 8.30 -11.56 -17.22
CA VAL A 104 7.78 -11.95 -15.91
C VAL A 104 6.32 -11.47 -15.83
N TYR A 105 5.44 -12.36 -15.35
CA TYR A 105 4.01 -12.05 -15.21
C TYR A 105 3.61 -12.28 -13.75
N LEU A 106 2.88 -11.33 -13.16
CA LEU A 106 2.41 -11.45 -11.77
C LEU A 106 0.89 -11.50 -11.75
N VAL A 107 0.34 -12.44 -10.99
CA VAL A 107 -1.12 -12.60 -10.92
C VAL A 107 -1.63 -12.37 -9.52
N THR A 108 -2.61 -11.48 -9.39
CA THR A 108 -3.20 -11.17 -8.09
C THR A 108 -4.72 -11.12 -8.25
N HIS A 109 -5.42 -11.27 -7.12
CA HIS A 109 -6.88 -11.19 -7.07
C HIS A 109 -7.34 -9.79 -7.50
N LEU A 110 -8.33 -9.75 -8.37
CA LEU A 110 -8.95 -8.51 -8.85
C LEU A 110 -10.24 -8.32 -8.03
N MET A 111 -10.11 -7.67 -6.88
CA MET A 111 -11.15 -7.70 -5.85
C MET A 111 -11.97 -6.40 -5.76
N GLY A 112 -13.28 -6.55 -5.87
CA GLY A 112 -14.20 -5.43 -5.68
C GLY A 112 -13.88 -4.14 -6.40
N ALA A 113 -13.69 -3.08 -5.62
CA ALA A 113 -13.44 -1.74 -6.14
C ALA A 113 -12.50 -1.06 -5.18
N ASP A 114 -11.91 0.07 -5.53
CA ASP A 114 -11.04 0.73 -4.55
C ASP A 114 -11.90 1.63 -3.64
N LEU A 115 -11.26 2.19 -2.60
CA LEU A 115 -12.00 2.95 -1.59
C LEU A 115 -12.66 4.21 -2.17
N ASN A 116 -11.98 4.87 -3.10
CA ASN A 116 -12.60 6.02 -3.78
C ASN A 116 -13.92 5.65 -4.47
N ASN A 117 -13.95 4.53 -5.19
CA ASN A 117 -15.16 4.13 -5.89
C ASN A 117 -16.25 3.72 -4.93
N ILE A 118 -15.86 3.13 -3.81
CA ILE A 118 -16.84 2.81 -2.80
C ILE A 118 -17.55 4.11 -2.33
N VAL A 119 -16.76 5.12 -2.00
CA VAL A 119 -17.29 6.40 -1.50
C VAL A 119 -18.14 7.07 -2.58
N LYS A 120 -17.81 6.85 -3.85
CA LYS A 120 -18.61 7.48 -4.91
C LYS A 120 -20.02 6.93 -5.01
N CYS A 121 -20.27 5.72 -4.51
CA CYS A 121 -21.55 5.03 -4.68
CA CYS A 121 -21.59 5.15 -4.76
C CYS A 121 -22.44 5.05 -3.49
N GLN A 122 -21.93 5.56 -2.35
CA GLN A 122 -22.75 5.50 -1.15
C GLN A 122 -22.18 6.27 0.00
N LYS A 123 -23.00 6.47 1.02
CA LYS A 123 -22.55 7.15 2.21
C LYS A 123 -22.19 6.08 3.22
N LEU A 124 -20.94 6.08 3.69
CA LEU A 124 -20.49 5.13 4.71
C LEU A 124 -21.08 5.49 6.07
N THR A 125 -21.43 4.47 6.87
CA THR A 125 -21.80 4.69 8.28
C THR A 125 -20.58 4.62 9.18
N ASP A 126 -20.72 5.04 10.44
CA ASP A 126 -19.59 5.01 11.36
C ASP A 126 -19.13 3.54 11.50
N ASP A 127 -20.07 2.61 11.37
CA ASP A 127 -19.74 1.18 11.48
CA ASP A 127 -19.75 1.18 11.47
C ASP A 127 -18.83 0.76 10.33
N HIS A 128 -19.14 1.25 9.12
CA HIS A 128 -18.29 1.00 7.96
C HIS A 128 -16.90 1.51 8.20
N VAL A 129 -16.79 2.74 8.71
CA VAL A 129 -15.49 3.35 8.88
C VAL A 129 -14.68 2.55 9.90
N GLN A 130 -15.30 2.20 11.01
CA GLN A 130 -14.65 1.35 12.01
C GLN A 130 -14.08 0.07 11.35
N PHE A 131 -14.90 -0.62 10.59
CA PHE A 131 -14.49 -1.92 10.04
C PHE A 131 -13.39 -1.75 8.96
N LEU A 132 -13.55 -0.74 8.09
CA LEU A 132 -12.55 -0.48 7.05
C LEU A 132 -11.20 -0.08 7.64
N ILE A 133 -11.20 0.89 8.55
CA ILE A 133 -9.94 1.30 9.14
C ILE A 133 -9.34 0.15 9.96
N TYR A 134 -10.18 -0.60 10.65
CA TYR A 134 -9.71 -1.74 11.46
C TYR A 134 -8.88 -2.69 10.57
N GLN A 135 -9.44 -3.04 9.43
CA GLN A 135 -8.74 -3.95 8.51
C GLN A 135 -7.44 -3.35 7.97
N ILE A 136 -7.44 -2.05 7.65
CA ILE A 136 -6.19 -1.45 7.23
C ILE A 136 -5.15 -1.65 8.31
N LEU A 137 -5.52 -1.35 9.56
CA LEU A 137 -4.54 -1.41 10.66
C LEU A 137 -4.12 -2.86 10.92
N ARG A 138 -5.03 -3.78 10.69
CA ARG A 138 -4.74 -5.20 10.87
C ARG A 138 -3.67 -5.63 9.85
N GLY A 139 -3.87 -5.25 8.58
CA GLY A 139 -2.88 -5.45 7.53
C GLY A 139 -1.54 -4.80 7.89
N LEU A 140 -1.59 -3.56 8.41
CA LEU A 140 -0.36 -2.85 8.73
C LEU A 140 0.37 -3.50 9.88
N LYS A 141 -0.36 -4.00 10.88
CA LYS A 141 0.33 -4.67 11.97
C LYS A 141 1.18 -5.81 11.40
N TYR A 142 0.61 -6.52 10.45
CA TYR A 142 1.30 -7.66 9.82
C TYR A 142 2.53 -7.17 9.04
N ILE A 143 2.32 -6.22 8.13
CA ILE A 143 3.41 -5.64 7.35
C ILE A 143 4.53 -5.07 8.25
N HIS A 144 4.15 -4.23 9.21
CA HIS A 144 5.14 -3.59 10.07
C HIS A 144 5.93 -4.59 10.92
N SER A 145 5.31 -5.71 11.27
CA SER A 145 5.98 -6.72 12.09
C SER A 145 7.12 -7.41 11.33
N ALA A 146 7.08 -7.34 10.00
CA ALA A 146 8.19 -7.81 9.16
C ALA A 146 9.14 -6.67 8.75
N ASP A 147 9.01 -5.52 9.40
CA ASP A 147 9.79 -4.34 9.02
C ASP A 147 9.62 -3.99 7.56
N ILE A 148 8.39 -4.15 7.06
CA ILE A 148 8.05 -3.65 5.73
C ILE A 148 7.27 -2.35 5.93
N ILE A 149 7.57 -1.33 5.12
CA ILE A 149 6.79 -0.10 5.16
C ILE A 149 6.11 0.05 3.81
N HIS A 150 4.80 0.30 3.81
CA HIS A 150 4.07 0.44 2.55
C HIS A 150 4.54 1.66 1.78
N ARG A 151 4.54 2.81 2.46
CA ARG A 151 5.06 4.07 1.92
C ARG A 151 4.05 4.86 1.09
N ASP A 152 3.03 4.19 0.55
CA ASP A 152 2.13 4.86 -0.40
C ASP A 152 0.67 4.54 -0.16
N LEU A 153 0.24 4.50 1.10
CA LEU A 153 -1.16 4.23 1.38
C LEU A 153 -2.01 5.41 0.95
N LYS A 154 -3.11 5.09 0.26
CA LYS A 154 -4.11 6.07 -0.14
C LYS A 154 -5.33 5.31 -0.60
N PRO A 155 -6.46 6.00 -0.74
CA PRO A 155 -7.68 5.26 -1.05
C PRO A 155 -7.58 4.37 -2.30
N SER A 156 -6.83 4.81 -3.30
CA SER A 156 -6.78 4.04 -4.56
C SER A 156 -5.89 2.79 -4.42
N ASN A 157 -5.19 2.68 -3.29
CA ASN A 157 -4.42 1.50 -2.98
C ASN A 157 -5.08 0.56 -1.98
N LEU A 158 -6.39 0.70 -1.84
CA LEU A 158 -7.17 -0.17 -0.98
C LEU A 158 -8.33 -0.78 -1.77
N ALA A 159 -8.39 -2.10 -1.82
CA ALA A 159 -9.45 -2.83 -2.51
C ALA A 159 -10.51 -3.23 -1.50
N VAL A 160 -11.78 -3.09 -1.88
CA VAL A 160 -12.89 -3.40 -0.99
C VAL A 160 -13.98 -4.15 -1.76
N ASN A 161 -14.54 -5.20 -1.15
CA ASN A 161 -15.62 -5.96 -1.80
C ASN A 161 -16.99 -5.68 -1.16
N GLU A 162 -18.03 -6.36 -1.63
CA GLU A 162 -19.40 -6.08 -1.16
C GLU A 162 -19.64 -6.47 0.30
N ASP A 163 -18.77 -7.30 0.89
CA ASP A 163 -18.84 -7.59 2.33
C ASP A 163 -17.95 -6.64 3.15
N SER A 164 -17.52 -5.55 2.52
CA SER A 164 -16.66 -4.55 3.17
C SER A 164 -15.31 -5.13 3.59
N GLU A 165 -14.92 -6.26 3.02
CA GLU A 165 -13.59 -6.82 3.29
C GLU A 165 -12.56 -6.02 2.52
N LEU A 166 -11.40 -5.79 3.14
CA LEU A 166 -10.43 -4.85 2.59
C LEU A 166 -9.04 -5.48 2.46
N LYS A 167 -8.35 -5.11 1.40
CA LYS A 167 -6.96 -5.50 1.23
C LYS A 167 -6.11 -4.31 0.78
N ILE A 168 -4.89 -4.26 1.31
CA ILE A 168 -3.92 -3.25 0.96
C ILE A 168 -3.11 -3.73 -0.24
N LEU A 169 -2.94 -2.88 -1.23
CA LEU A 169 -2.16 -3.30 -2.39
C LEU A 169 -1.23 -2.20 -2.89
N ASP A 170 -0.47 -2.50 -3.97
CA ASP A 170 0.43 -1.55 -4.62
C ASP A 170 1.43 -0.88 -3.66
N PHE A 171 2.24 -1.71 -3.02
CA PHE A 171 3.32 -1.23 -2.16
C PHE A 171 4.26 -0.28 -2.90
N GLY A 172 4.78 0.72 -2.19
CA GLY A 172 5.79 1.61 -2.77
C GLY A 172 7.06 0.83 -3.00
N LEU A 173 7.56 0.82 -4.22
CA LEU A 173 8.74 0.01 -4.56
C LEU A 173 10.03 0.81 -4.77
N ALA A 174 9.98 2.13 -4.61
CA ALA A 174 11.16 2.95 -4.86
C ALA A 174 12.04 3.07 -3.61
N ARG A 175 13.35 3.10 -3.81
CA ARG A 175 14.29 3.33 -2.73
C ARG A 175 15.26 4.47 -3.08
N THR A 187 -1.29 11.08 -5.86
CA THR A 187 -1.15 12.36 -5.17
C THR A 187 -0.24 12.26 -3.96
N ARG A 188 -0.12 13.38 -3.28
CA ARG A 188 0.84 13.58 -2.21
C ARG A 188 0.08 13.82 -0.90
N TRP A 189 -1.25 13.88 -0.99
CA TRP A 189 -2.09 14.29 0.13
C TRP A 189 -2.05 13.38 1.38
N TYR A 190 -1.58 12.13 1.23
CA TYR A 190 -1.68 11.14 2.32
C TYR A 190 -0.31 10.88 2.90
N ARG A 191 0.66 11.66 2.46
CA ARG A 191 2.04 11.38 2.76
C ARG A 191 2.50 12.15 4.01
N ALA A 192 3.21 11.47 4.90
CA ALA A 192 3.75 12.10 6.09
C ALA A 192 4.70 13.25 5.70
N PRO A 193 4.68 14.35 6.46
CA PRO A 193 5.54 15.52 6.18
C PRO A 193 7.04 15.21 6.13
N GLU A 194 7.51 14.33 7.00
CA GLU A 194 8.94 14.02 7.07
C GLU A 194 9.44 13.29 5.83
N ILE A 195 8.58 12.60 5.11
CA ILE A 195 9.05 11.99 3.87
C ILE A 195 8.78 12.86 2.64
N MET A 196 7.73 13.66 2.71
CA MET A 196 7.40 14.57 1.63
C MET A 196 8.50 15.59 1.32
N LEU A 197 9.19 16.08 2.36
CA LEU A 197 10.28 17.01 2.15
C LEU A 197 11.59 16.38 2.60
N ASN A 198 11.57 15.07 2.77
CA ASN A 198 12.78 14.32 3.02
C ASN A 198 13.51 14.83 4.28
N TRP A 199 12.74 15.12 5.34
CA TRP A 199 13.35 15.59 6.60
C TRP A 199 14.20 14.56 7.30
N MET A 200 13.87 13.29 7.13
CA MET A 200 14.56 12.23 7.84
C MET A 200 14.18 10.87 7.27
N HIS A 201 14.79 9.82 7.80
CA HIS A 201 14.49 8.47 7.37
C HIS A 201 13.07 8.04 7.74
N TYR A 202 12.42 7.30 6.85
CA TYR A 202 11.09 6.79 7.11
C TYR A 202 11.11 5.80 8.27
N ASN A 203 10.15 5.89 9.17
CA ASN A 203 9.84 4.74 10.01
CA ASN A 203 9.84 4.74 10.02
C ASN A 203 8.45 4.24 9.63
N GLN A 204 8.04 3.14 10.25
CA GLN A 204 6.78 2.51 9.91
C GLN A 204 5.61 3.47 10.11
N THR A 205 5.73 4.42 11.03
CA THR A 205 4.55 5.26 11.29
C THR A 205 4.25 6.28 10.21
N VAL A 206 5.02 6.31 9.11
CA VAL A 206 4.56 7.10 7.95
C VAL A 206 3.27 6.52 7.41
N ASP A 207 3.13 5.19 7.49
CA ASP A 207 1.89 4.52 7.09
C ASP A 207 0.75 4.92 8.03
N ILE A 208 1.05 5.08 9.31
CA ILE A 208 0.00 5.47 10.27
C ILE A 208 -0.55 6.87 9.98
N TRP A 209 0.34 7.79 9.64
CA TRP A 209 -0.07 9.13 9.17
C TRP A 209 -1.06 9.00 8.01
N SER A 210 -0.71 8.19 7.01
CA SER A 210 -1.60 8.01 5.86
C SER A 210 -2.96 7.49 6.31
N VAL A 211 -2.98 6.54 7.24
CA VAL A 211 -4.26 6.02 7.71
C VAL A 211 -5.10 7.13 8.34
N GLY A 212 -4.45 7.98 9.12
CA GLY A 212 -5.14 9.09 9.75
C GLY A 212 -5.79 9.95 8.67
N CYS A 213 -5.03 10.26 7.60
CA CYS A 213 -5.55 11.09 6.52
C CYS A 213 -6.74 10.43 5.86
N ILE A 214 -6.64 9.12 5.66
CA ILE A 214 -7.71 8.35 5.01
C ILE A 214 -8.98 8.33 5.88
N MET A 215 -8.80 8.09 7.18
CA MET A 215 -9.92 8.02 8.09
C MET A 215 -10.65 9.36 8.21
N ALA A 216 -9.88 10.44 8.38
CA ALA A 216 -10.47 11.80 8.42
C ALA A 216 -11.41 11.99 7.23
N GLU A 217 -10.91 11.65 6.04
CA GLU A 217 -11.65 11.82 4.80
C GLU A 217 -12.89 10.94 4.76
N LEU A 218 -12.80 9.71 5.27
CA LEU A 218 -13.98 8.84 5.31
C LEU A 218 -15.05 9.41 6.24
N LEU A 219 -14.63 10.03 7.34
CA LEU A 219 -15.57 10.63 8.29
C LEU A 219 -16.23 11.89 7.73
N THR A 220 -15.46 12.73 7.04
CA THR A 220 -15.92 14.09 6.71
C THR A 220 -16.38 14.30 5.27
N GLY A 221 -15.98 13.39 4.37
CA GLY A 221 -16.24 13.60 2.96
C GLY A 221 -15.31 14.61 2.30
N ARG A 222 -14.21 14.95 2.95
CA ARG A 222 -13.26 15.90 2.37
C ARG A 222 -11.83 15.47 2.61
N THR A 223 -10.99 15.62 1.60
CA THR A 223 -9.55 15.46 1.80
C THR A 223 -9.10 16.35 2.96
N LEU A 224 -8.19 15.82 3.77
CA LEU A 224 -7.76 16.54 4.96
C LEU A 224 -6.72 17.62 4.63
N PHE A 225 -5.70 17.27 3.85
CA PHE A 225 -4.61 18.18 3.53
C PHE A 225 -4.43 18.24 2.00
N PRO A 226 -5.42 18.80 1.28
CA PRO A 226 -5.31 18.85 -0.19
C PRO A 226 -4.41 19.98 -0.72
N GLY A 227 -3.12 19.95 -0.41
CA GLY A 227 -2.21 21.03 -0.79
C GLY A 227 -1.87 20.97 -2.28
N THR A 228 -1.64 22.12 -2.89
CA THR A 228 -1.33 22.15 -4.33
C THR A 228 0.12 21.84 -4.61
N ASP A 229 1.02 22.28 -3.73
CA ASP A 229 2.41 21.88 -3.82
C ASP A 229 2.93 21.58 -2.42
N HIS A 230 4.21 21.23 -2.33
CA HIS A 230 4.76 20.69 -1.09
C HIS A 230 4.66 21.66 0.06
N ILE A 231 4.87 22.94 -0.24
CA ILE A 231 4.83 24.00 0.75
C ILE A 231 3.40 24.26 1.23
N ASP A 232 2.47 24.36 0.29
CA ASP A 232 1.08 24.57 0.61
C ASP A 232 0.59 23.41 1.51
N GLN A 233 0.98 22.19 1.16
CA GLN A 233 0.53 21.06 1.96
C GLN A 233 1.13 21.06 3.35
N LEU A 234 2.43 21.34 3.44
CA LEU A 234 3.07 21.49 4.74
C LEU A 234 2.29 22.49 5.62
N LYS A 235 1.97 23.65 5.05
CA LYS A 235 1.27 24.68 5.80
C LYS A 235 -0.08 24.20 6.32
N LEU A 236 -0.84 23.47 5.52
CA LEU A 236 -2.12 22.93 5.98
C LEU A 236 -1.90 21.91 7.10
N ILE A 237 -0.88 21.08 6.96
CA ILE A 237 -0.57 20.11 8.00
C ILE A 237 -0.20 20.81 9.30
N LEU A 238 0.68 21.82 9.21
CA LEU A 238 1.21 22.44 10.42
C LEU A 238 0.13 23.26 11.14
N ARG A 239 -0.83 23.74 10.36
CA ARG A 239 -1.94 24.49 10.91
C ARG A 239 -2.80 23.63 11.84
N LEU A 240 -2.90 22.35 11.51
CA LEU A 240 -3.67 21.40 12.31
C LEU A 240 -2.87 20.91 13.50
N VAL A 241 -1.63 20.51 13.26
CA VAL A 241 -0.89 19.76 14.27
C VAL A 241 0.12 20.64 14.98
N GLY A 242 0.24 21.90 14.55
CA GLY A 242 1.18 22.84 15.14
C GLY A 242 2.57 22.71 14.54
N THR A 243 3.36 23.78 14.61
CA THR A 243 4.73 23.73 14.11
C THR A 243 5.62 22.90 15.02
N PRO A 244 6.70 22.34 14.48
CA PRO A 244 7.59 21.48 15.26
C PRO A 244 8.22 22.19 16.46
N GLY A 245 8.40 21.48 17.57
CA GLY A 245 9.12 22.03 18.69
C GLY A 245 10.58 21.64 18.61
N ALA A 246 11.37 22.06 19.58
CA ALA A 246 12.79 21.79 19.58
C ALA A 246 13.12 20.30 19.51
N GLU A 247 12.34 19.48 20.21
CA GLU A 247 12.65 18.06 20.26
C GLU A 247 12.61 17.46 18.87
N LEU A 248 11.59 17.81 18.09
CA LEU A 248 11.47 17.28 16.73
C LEU A 248 12.51 17.87 15.78
N LEU A 249 12.82 19.16 15.94
CA LEU A 249 13.81 19.82 15.09
C LEU A 249 15.15 19.10 15.18
N LYS A 250 15.49 18.63 16.36
CA LYS A 250 16.74 17.93 16.60
C LYS A 250 16.89 16.69 15.71
N LYS A 251 15.77 16.13 15.27
CA LYS A 251 15.79 14.89 14.51
C LYS A 251 15.82 15.13 13.00
N ILE A 252 15.69 16.38 12.59
CA ILE A 252 15.73 16.72 11.17
C ILE A 252 17.16 16.97 10.72
N SER A 253 17.64 16.14 9.79
CA SER A 253 19.06 16.10 9.44
C SER A 253 19.51 17.31 8.63
N SER A 254 18.69 17.73 7.68
CA SER A 254 19.06 18.83 6.78
C SER A 254 19.08 20.18 7.50
N GLU A 255 20.23 20.84 7.53
CA GLU A 255 20.32 22.16 8.14
C GLU A 255 19.36 23.14 7.48
N SER A 256 19.20 23.01 6.17
CA SER A 256 18.32 23.92 5.43
C SER A 256 16.87 23.71 5.85
N ALA A 257 16.46 22.46 5.94
CA ALA A 257 15.12 22.13 6.40
C ALA A 257 14.88 22.74 7.77
N ARG A 258 15.87 22.62 8.65
CA ARG A 258 15.76 23.13 10.00
C ARG A 258 15.59 24.64 9.97
N ASN A 259 16.43 25.29 9.17
CA ASN A 259 16.35 26.74 9.03
C ASN A 259 14.98 27.14 8.51
N TYR A 260 14.43 26.38 7.56
CA TYR A 260 13.15 26.76 6.96
C TYR A 260 12.05 26.66 8.01
N ILE A 261 12.05 25.55 8.75
CA ILE A 261 11.02 25.31 9.75
C ILE A 261 11.02 26.42 10.79
N GLN A 262 12.22 26.77 11.23
CA GLN A 262 12.41 27.86 12.18
C GLN A 262 11.98 29.22 11.63
N SER A 263 11.88 29.33 10.31
CA SER A 263 11.47 30.60 9.70
C SER A 263 9.96 30.82 9.77
N LEU A 264 9.21 29.77 10.04
CA LEU A 264 7.75 29.84 10.03
C LEU A 264 7.20 30.50 11.29
N THR A 265 6.13 31.26 11.16
CA THR A 265 5.39 31.73 12.31
C THR A 265 4.95 30.51 13.10
N GLN A 266 5.13 30.53 14.42
CA GLN A 266 4.75 29.39 15.23
C GLN A 266 3.24 29.24 15.26
N MET A 267 2.77 28.00 15.36
CA MET A 267 1.34 27.76 15.44
C MET A 267 1.02 26.66 16.40
N PRO A 268 -0.01 26.87 17.21
CA PRO A 268 -0.37 25.84 18.18
C PRO A 268 -1.09 24.71 17.47
N LYS A 269 -1.06 23.52 18.06
CA LYS A 269 -1.95 22.44 17.68
C LYS A 269 -3.38 22.92 17.82
N MET A 270 -4.23 22.51 16.88
CA MET A 270 -5.67 22.74 17.01
C MET A 270 -6.34 21.65 17.81
N ASN A 271 -7.51 21.97 18.36
CA ASN A 271 -8.36 21.01 19.06
C ASN A 271 -9.13 20.22 18.00
N PHE A 272 -8.81 18.94 17.80
CA PHE A 272 -9.43 18.19 16.70
C PHE A 272 -10.94 18.12 16.85
N ALA A 273 -11.44 18.17 18.09
CA ALA A 273 -12.88 18.00 18.30
C ALA A 273 -13.63 19.15 17.64
N ASN A 274 -13.00 20.32 17.58
CA ASN A 274 -13.55 21.46 16.84
C ASN A 274 -13.52 21.19 15.34
N VAL A 275 -12.45 20.53 14.87
CA VAL A 275 -12.28 20.28 13.44
C VAL A 275 -13.20 19.17 12.90
N PHE A 276 -13.53 18.18 13.74
CA PHE A 276 -14.40 17.07 13.34
C PHE A 276 -15.72 16.97 14.13
N ILE A 277 -16.45 18.06 14.25
CA ILE A 277 -17.66 18.06 15.07
C ILE A 277 -18.73 17.10 14.58
N GLY A 278 -19.32 16.35 15.51
CA GLY A 278 -20.39 15.41 15.16
C GLY A 278 -19.89 14.00 14.88
N ALA A 279 -18.58 13.84 14.70
CA ALA A 279 -18.01 12.51 14.54
C ALA A 279 -17.89 11.80 15.90
N ASN A 280 -17.97 10.47 15.89
CA ASN A 280 -17.71 9.67 17.08
C ASN A 280 -16.47 10.21 17.82
N PRO A 281 -16.62 10.59 19.09
CA PRO A 281 -15.46 11.13 19.80
C PRO A 281 -14.27 10.13 19.90
N LEU A 282 -14.57 8.84 19.91
CA LEU A 282 -13.51 7.84 19.94
C LEU A 282 -12.75 7.85 18.60
N ALA A 283 -13.47 8.08 17.51
CA ALA A 283 -12.83 8.27 16.20
C ALA A 283 -11.90 9.47 16.25
N VAL A 284 -12.39 10.59 16.76
CA VAL A 284 -11.57 11.80 16.82
C VAL A 284 -10.34 11.55 17.71
N ASP A 285 -10.53 10.82 18.80
CA ASP A 285 -9.42 10.54 19.71
C ASP A 285 -8.33 9.74 18.97
N LEU A 286 -8.74 8.73 18.22
CA LEU A 286 -7.80 7.93 17.42
C LEU A 286 -7.07 8.83 16.40
N LEU A 287 -7.80 9.72 15.74
CA LEU A 287 -7.15 10.65 14.80
C LEU A 287 -6.04 11.47 15.46
N GLU A 288 -6.33 12.01 16.65
CA GLU A 288 -5.34 12.77 17.42
C GLU A 288 -4.08 11.93 17.63
N LYS A 289 -4.26 10.62 17.83
CA LYS A 289 -3.11 9.74 18.07
C LYS A 289 -2.34 9.35 16.79
N MET A 290 -3.01 9.41 15.65
CA MET A 290 -2.34 9.07 14.39
C MET A 290 -1.66 10.28 13.75
N LEU A 291 -2.28 11.44 13.86
CA LEU A 291 -1.75 12.62 13.17
C LEU A 291 -0.87 13.48 14.07
N VAL A 292 0.16 12.88 14.64
CA VAL A 292 1.10 13.61 15.47
C VAL A 292 2.32 13.86 14.64
N LEU A 293 2.86 15.07 14.70
CA LEU A 293 3.91 15.48 13.77
C LEU A 293 5.18 14.66 13.94
N ASP A 294 5.56 14.41 15.19
CA ASP A 294 6.75 13.63 15.50
C ASP A 294 6.38 12.16 15.34
N SER A 295 7.04 11.48 14.40
CA SER A 295 6.66 10.13 14.03
C SER A 295 6.89 9.13 15.17
N ASP A 296 7.88 9.40 16.01
CA ASP A 296 8.15 8.56 17.17
C ASP A 296 7.02 8.61 18.19
N LYS A 297 6.10 9.54 18.04
CA LYS A 297 5.05 9.70 19.02
C LYS A 297 3.68 9.30 18.48
N ARG A 298 3.64 8.92 17.21
CA ARG A 298 2.38 8.41 16.64
C ARG A 298 2.06 7.03 17.20
N ILE A 299 0.78 6.70 17.25
CA ILE A 299 0.35 5.38 17.69
C ILE A 299 0.80 4.33 16.65
N THR A 300 1.19 3.13 17.11
CA THR A 300 1.60 2.10 16.16
C THR A 300 0.36 1.32 15.69
N ALA A 301 0.49 0.50 14.65
CA ALA A 301 -0.67 -0.25 14.17
C ALA A 301 -1.18 -1.20 15.28
N ALA A 302 -0.26 -1.86 15.97
CA ALA A 302 -0.63 -2.79 17.04
C ALA A 302 -1.42 -2.06 18.14
N GLN A 303 -0.91 -0.91 18.57
CA GLN A 303 -1.57 -0.12 19.60
C GLN A 303 -2.93 0.38 19.14
N ALA A 304 -3.03 0.82 17.88
CA ALA A 304 -4.32 1.35 17.39
C ALA A 304 -5.40 0.28 17.38
N LEU A 305 -5.02 -0.97 17.14
CA LEU A 305 -6.00 -2.05 17.10
C LEU A 305 -6.70 -2.24 18.45
N ALA A 306 -6.00 -1.93 19.54
CA ALA A 306 -6.56 -2.05 20.89
C ALA A 306 -7.34 -0.78 21.26
N HIS A 307 -7.35 0.21 20.38
CA HIS A 307 -8.05 1.45 20.70
C HIS A 307 -9.56 1.22 20.83
N ALA A 308 -10.21 1.90 21.79
CA ALA A 308 -11.64 1.68 22.02
C ALA A 308 -12.55 1.84 20.78
N TYR A 309 -12.15 2.65 19.81
CA TYR A 309 -12.97 2.83 18.58
C TYR A 309 -13.30 1.49 17.92
N PHE A 310 -12.37 0.54 18.01
CA PHE A 310 -12.53 -0.74 17.32
C PHE A 310 -13.02 -1.86 18.19
N ALA A 311 -13.62 -1.52 19.35
CA ALA A 311 -14.00 -2.53 20.34
C ALA A 311 -14.87 -3.64 19.74
N GLN A 312 -15.71 -3.32 18.76
CA GLN A 312 -16.57 -4.39 18.24
C GLN A 312 -15.86 -5.34 17.26
N TYR A 313 -14.64 -5.00 16.85
CA TYR A 313 -13.92 -5.78 15.83
C TYR A 313 -12.62 -6.38 16.34
N HIS A 314 -12.04 -5.78 17.38
CA HIS A 314 -10.72 -6.17 17.85
C HIS A 314 -10.74 -7.59 18.41
N ASP A 315 -9.80 -8.42 17.96
CA ASP A 315 -9.61 -9.76 18.54
C ASP A 315 -8.13 -10.04 18.60
N PRO A 316 -7.54 -9.92 19.78
CA PRO A 316 -6.07 -10.01 19.89
C PRO A 316 -5.52 -11.38 19.51
N ASP A 317 -6.37 -12.38 19.41
CA ASP A 317 -5.93 -13.72 19.00
C ASP A 317 -6.09 -13.91 17.50
N ASP A 318 -6.48 -12.85 16.80
CA ASP A 318 -6.72 -12.99 15.37
C ASP A 318 -6.21 -11.74 14.66
N GLU A 319 -5.05 -11.27 15.12
CA GLU A 319 -4.32 -10.15 14.56
C GLU A 319 -2.85 -10.60 14.39
N PRO A 320 -2.62 -11.53 13.45
CA PRO A 320 -1.34 -12.22 13.29
C PRO A 320 -0.23 -11.30 12.81
N VAL A 321 1.00 -11.70 13.14
CA VAL A 321 2.19 -11.02 12.65
C VAL A 321 2.84 -11.84 11.53
N ALA A 322 3.84 -11.28 10.86
CA ALA A 322 4.45 -11.93 9.72
C ALA A 322 5.71 -12.70 10.11
N ASP A 323 6.11 -13.63 9.26
CA ASP A 323 7.45 -14.18 9.35
C ASP A 323 8.47 -13.07 9.08
N PRO A 324 9.67 -13.18 9.67
CA PRO A 324 10.68 -12.17 9.38
C PRO A 324 11.01 -12.11 7.88
N TYR A 325 11.32 -10.92 7.41
CA TYR A 325 11.51 -10.68 5.98
C TYR A 325 12.94 -10.19 5.81
N ASP A 326 13.72 -10.97 5.08
CA ASP A 326 15.16 -10.67 4.98
C ASP A 326 15.38 -9.67 3.85
N GLN A 327 15.77 -8.45 4.19
CA GLN A 327 15.99 -7.43 3.16
C GLN A 327 17.46 -7.13 2.93
N SER A 328 18.32 -8.05 3.35
CA SER A 328 19.77 -7.85 3.20
C SER A 328 20.14 -7.69 1.73
N PHE A 329 19.33 -8.22 0.80
CA PHE A 329 19.64 -8.09 -0.63
C PHE A 329 19.74 -6.61 -1.03
N GLU A 330 19.05 -5.75 -0.29
CA GLU A 330 19.04 -4.32 -0.64
C GLU A 330 20.44 -3.71 -0.64
N SER A 331 21.37 -4.26 0.15
CA SER A 331 22.72 -3.69 0.12
C SER A 331 23.70 -4.50 -0.74
N ARG A 332 23.19 -5.40 -1.57
CA ARG A 332 24.07 -6.12 -2.48
C ARG A 332 24.27 -5.27 -3.73
N ASP A 333 25.47 -5.39 -4.30
CA ASP A 333 25.87 -4.68 -5.51
C ASP A 333 26.16 -5.74 -6.57
N LEU A 334 25.19 -5.99 -7.45
CA LEU A 334 25.26 -7.13 -8.35
C LEU A 334 25.09 -6.72 -9.82
N LEU A 335 25.47 -7.62 -10.72
CA LEU A 335 25.33 -7.40 -12.17
C LEU A 335 23.86 -7.55 -12.57
N ILE A 336 23.48 -6.94 -13.68
CA ILE A 336 22.14 -7.11 -14.22
C ILE A 336 21.76 -8.58 -14.30
N ASP A 337 22.65 -9.40 -14.86
CA ASP A 337 22.34 -10.81 -15.05
C ASP A 337 22.26 -11.54 -13.69
N GLU A 338 22.94 -11.02 -12.69
CA GLU A 338 22.84 -11.58 -11.34
C GLU A 338 21.45 -11.31 -10.70
N TRP A 339 20.96 -10.07 -10.80
CA TRP A 339 19.59 -9.77 -10.33
C TRP A 339 18.56 -10.57 -11.12
N LYS A 340 18.81 -10.71 -12.42
CA LYS A 340 17.90 -11.44 -13.29
C LYS A 340 17.88 -12.90 -12.87
N SER A 341 19.05 -13.47 -12.62
CA SER A 341 19.13 -14.86 -12.21
C SER A 341 18.46 -15.10 -10.83
N LEU A 342 18.62 -14.15 -9.90
CA LEU A 342 17.98 -14.26 -8.59
C LEU A 342 16.44 -14.20 -8.76
N THR A 343 16.00 -13.34 -9.67
CA THR A 343 14.58 -13.23 -9.99
C THR A 343 14.06 -14.56 -10.54
N TYR A 344 14.81 -15.15 -11.46
CA TYR A 344 14.41 -16.39 -12.08
C TYR A 344 14.25 -17.47 -11.00
N ASP A 345 15.20 -17.54 -10.09
CA ASP A 345 15.16 -18.46 -8.97
C ASP A 345 13.87 -18.31 -8.17
N GLU A 346 13.44 -17.07 -7.97
CA GLU A 346 12.23 -16.80 -7.21
C GLU A 346 10.98 -17.23 -7.98
N VAL A 347 11.01 -17.06 -9.30
CA VAL A 347 9.91 -17.55 -10.12
C VAL A 347 9.82 -19.07 -9.93
N ILE A 348 10.96 -19.74 -10.06
CA ILE A 348 11.04 -21.20 -9.95
C ILE A 348 10.63 -21.75 -8.60
N SER A 349 10.97 -21.04 -7.52
CA SER A 349 10.69 -21.54 -6.20
C SER A 349 9.26 -21.20 -5.73
N PHE A 350 8.49 -20.48 -6.54
CA PHE A 350 7.16 -20.02 -6.10
C PHE A 350 6.19 -21.19 -5.87
N VAL A 351 5.53 -21.20 -4.72
CA VAL A 351 4.50 -22.21 -4.46
C VAL A 351 3.18 -21.50 -4.24
N PRO A 352 2.16 -21.85 -5.03
CA PRO A 352 0.89 -21.12 -4.88
C PRO A 352 0.22 -21.35 -3.53
N PRO A 353 -0.67 -20.44 -3.16
CA PRO A 353 -1.42 -20.63 -1.91
C PRO A 353 -2.41 -21.78 -2.08
N PRO A 354 -2.79 -22.43 -0.96
CA PRO A 354 -3.81 -23.48 -0.90
C PRO A 354 -5.06 -23.08 -1.67
N LEU A 355 -5.62 -24.02 -2.41
CA LEU A 355 -6.85 -23.75 -3.16
C LEU A 355 -8.08 -24.20 -2.37
N ASN B 7 -20.85 -8.31 9.29
CA ASN B 7 -20.18 -7.43 8.34
C ASN B 7 -21.14 -6.43 7.70
N PRO B 8 -20.77 -5.15 7.69
CA PRO B 8 -21.57 -4.20 6.90
C PRO B 8 -21.47 -4.49 5.38
N GLY B 9 -22.49 -4.11 4.61
CA GLY B 9 -22.51 -4.38 3.17
C GLY B 9 -22.24 -3.15 2.33
N LEU B 10 -21.81 -3.33 1.08
CA LEU B 10 -21.48 -2.19 0.21
C LEU B 10 -21.89 -2.43 -1.24
N LYS B 11 -22.29 -1.35 -1.91
CA LYS B 11 -22.50 -1.36 -3.35
C LYS B 11 -21.15 -1.24 -4.02
N ILE B 12 -20.91 -2.09 -5.02
CA ILE B 12 -19.68 -2.07 -5.79
C ILE B 12 -19.99 -1.54 -7.18
N PRO B 13 -19.38 -0.41 -7.57
CA PRO B 13 -19.75 0.16 -8.87
C PRO B 13 -19.38 -0.77 -10.03
N LYS B 14 -20.18 -0.79 -11.09
CA LYS B 14 -21.40 0.02 -11.16
C LYS B 14 -22.36 -0.58 -12.18
#